data_9M4G
#
_entry.id   9M4G
#
_cell.length_a   91.716
_cell.length_b   91.716
_cell.length_c   242.977
_cell.angle_alpha   90.00
_cell.angle_beta   90.00
_cell.angle_gamma   120.00
#
_symmetry.space_group_name_H-M   'H 3 2'
#
loop_
_entity.id
_entity.type
_entity.pdbx_description
1 polymer 'Cell division control protein 48 homolog A'
2 non-polymer 'PHOSPHATE ION'
3 water water
#
_entity_poly.entity_id   1
_entity_poly.type   'polypeptide(L)'
_entity_poly.pdbx_seq_one_letter_code
;GSNRLVVDEAINDDNSVVSLHPATMEKLQLFRGDTILIKGKKRKDTVCIALADETCEEPKIRMNKVVRSNLRVRLGDVIS
VHQCPDVKYGKRVHILPVDDTVEGVTGNLFDAYLKPYFLEAYRPVRKGDLFLVRGGMRSVEFKVIETDPAEYCVVAPDTE
IFCEG
;
_entity_poly.pdbx_strand_id   A,B
#
# COMPACT_ATOMS: atom_id res chain seq x y z
N GLY A 1 -6.03 -21.00 -8.89
CA GLY A 1 -4.88 -20.85 -8.00
C GLY A 1 -4.99 -19.65 -7.07
N SER A 2 -4.01 -18.76 -7.15
CA SER A 2 -4.11 -17.49 -6.44
C SER A 2 -4.73 -16.42 -7.34
N ASN A 3 -5.42 -15.48 -6.71
CA ASN A 3 -6.07 -14.38 -7.39
C ASN A 3 -5.37 -13.05 -7.17
N ARG A 4 -4.17 -13.07 -6.58
CA ARG A 4 -3.41 -11.85 -6.33
C ARG A 4 -2.23 -11.79 -7.28
N LEU A 5 -1.96 -10.61 -7.85
CA LEU A 5 -0.97 -10.50 -8.92
C LEU A 5 -0.13 -9.25 -8.74
N VAL A 6 1.16 -9.33 -9.14
CA VAL A 6 2.10 -8.24 -8.94
C VAL A 6 2.05 -7.30 -10.13
N VAL A 7 1.79 -6.01 -9.88
CA VAL A 7 1.58 -5.04 -10.95
C VAL A 7 2.84 -4.87 -11.82
N ASP A 8 2.64 -4.65 -13.12
CA ASP A 8 3.73 -4.53 -14.08
C ASP A 8 3.35 -3.58 -15.21
N GLU A 9 4.37 -2.98 -15.83
CA GLU A 9 4.14 -2.02 -16.90
C GLU A 9 3.49 -2.67 -18.12
N ALA A 10 2.60 -1.91 -18.77
CA ALA A 10 1.87 -2.38 -19.94
C ALA A 10 2.52 -1.85 -21.21
N ILE A 11 2.60 -2.70 -22.24
CA ILE A 11 3.05 -2.22 -23.54
C ILE A 11 1.88 -1.58 -24.28
N ASN A 12 0.70 -2.17 -24.14
CA ASN A 12 -0.52 -1.62 -24.67
C ASN A 12 -1.05 -0.55 -23.72
N ASP A 13 -1.34 0.63 -24.25
CA ASP A 13 -1.78 1.76 -23.43
C ASP A 13 -3.30 1.95 -23.39
N ASP A 14 -4.07 0.98 -23.87
CA ASP A 14 -5.53 1.08 -23.85
C ASP A 14 -6.01 1.13 -22.41
N ASN A 15 -6.65 2.25 -22.03
CA ASN A 15 -7.03 2.44 -20.63
C ASN A 15 -8.08 1.43 -20.17
N SER A 16 -8.54 0.54 -21.04
CA SER A 16 -9.55 -0.44 -20.67
C SER A 16 -9.00 -1.85 -20.61
N VAL A 17 -7.67 -2.03 -20.70
CA VAL A 17 -7.10 -3.34 -20.94
C VAL A 17 -5.94 -3.60 -20.00
N VAL A 18 -5.98 -4.76 -19.37
CA VAL A 18 -4.87 -5.32 -18.63
C VAL A 18 -4.48 -6.62 -19.35
N SER A 19 -3.24 -7.05 -19.14
CA SER A 19 -2.74 -8.26 -19.78
C SER A 19 -2.28 -9.27 -18.73
N LEU A 20 -2.52 -10.55 -18.97
CA LEU A 20 -2.08 -11.59 -18.03
C LEU A 20 -1.52 -12.78 -18.79
N HIS A 21 -0.43 -13.34 -18.27
CA HIS A 21 0.11 -14.55 -18.87
C HIS A 21 -1.01 -15.57 -19.08
N PRO A 22 -1.00 -16.29 -20.19
CA PRO A 22 -2.15 -17.17 -20.48
C PRO A 22 -2.35 -18.30 -19.49
N ALA A 23 -1.33 -18.70 -18.73
CA ALA A 23 -1.56 -19.68 -17.68
C ALA A 23 -2.41 -19.07 -16.56
N THR A 24 -1.98 -17.92 -16.07
CA THR A 24 -2.76 -17.13 -15.12
C THR A 24 -4.21 -16.98 -15.55
N MET A 25 -4.44 -16.67 -16.83
CA MET A 25 -5.79 -16.55 -17.34
C MET A 25 -6.58 -17.83 -17.07
N GLU A 26 -6.01 -18.96 -17.47
CA GLU A 26 -6.75 -20.20 -17.34
C GLU A 26 -6.82 -20.65 -15.88
N LYS A 27 -5.77 -20.39 -15.09
CA LYS A 27 -5.89 -20.73 -13.67
C LYS A 27 -7.04 -19.97 -13.00
N LEU A 28 -7.34 -18.76 -13.43
CA LEU A 28 -8.44 -17.98 -12.88
C LEU A 28 -9.72 -18.19 -13.66
N GLN A 29 -9.69 -19.07 -14.64
CA GLN A 29 -10.83 -19.36 -15.50
C GLN A 29 -11.30 -18.11 -16.23
N LEU A 30 -10.35 -17.37 -16.77
CA LEU A 30 -10.65 -16.20 -17.60
C LEU A 30 -10.44 -16.54 -19.07
N PHE A 31 -11.30 -15.99 -19.93
CA PHE A 31 -11.12 -16.09 -21.38
C PHE A 31 -10.63 -14.77 -21.91
N ARG A 32 -9.93 -14.82 -23.05
CA ARG A 32 -9.53 -13.59 -23.71
C ARG A 32 -10.75 -12.69 -23.88
N GLY A 33 -10.59 -11.41 -23.52
CA GLY A 33 -11.63 -10.41 -23.70
C GLY A 33 -12.72 -10.36 -22.65
N ASP A 34 -12.68 -11.21 -21.63
CA ASP A 34 -13.64 -11.09 -20.55
C ASP A 34 -13.41 -9.81 -19.75
N THR A 35 -14.33 -9.57 -18.82
CA THR A 35 -14.34 -8.38 -17.99
C THR A 35 -14.12 -8.79 -16.54
N ILE A 36 -13.03 -8.31 -15.96
CA ILE A 36 -12.68 -8.63 -14.59
C ILE A 36 -12.67 -7.35 -13.77
N LEU A 37 -13.24 -7.42 -12.58
CA LEU A 37 -13.12 -6.37 -11.57
C LEU A 37 -11.83 -6.60 -10.79
N ILE A 38 -10.86 -5.70 -10.95
CA ILE A 38 -9.58 -5.80 -10.26
C ILE A 38 -9.61 -4.91 -9.03
N LYS A 39 -9.32 -5.47 -7.86
CA LYS A 39 -9.37 -4.70 -6.62
C LYS A 39 -7.99 -4.13 -6.28
N GLY A 40 -7.96 -2.85 -5.92
CA GLY A 40 -6.72 -2.14 -5.69
C GLY A 40 -6.49 -1.75 -4.24
N LYS A 41 -6.12 -0.49 -4.02
CA LYS A 41 -5.78 0.04 -2.71
C LYS A 41 -6.81 1.08 -2.27
N LYS A 42 -6.86 1.35 -0.97
CA LYS A 42 -7.85 2.32 -0.45
C LYS A 42 -9.24 1.89 -0.91
N ARG A 43 -9.46 0.58 -1.00
CA ARG A 43 -10.74 0.03 -1.45
C ARG A 43 -11.22 0.61 -2.78
N LYS A 44 -10.30 1.11 -3.62
CA LYS A 44 -10.69 1.41 -4.99
C LYS A 44 -10.71 0.12 -5.82
N ASP A 45 -11.45 0.18 -6.93
CA ASP A 45 -11.55 -0.96 -7.84
C ASP A 45 -12.10 -0.49 -9.20
N THR A 46 -11.82 -1.28 -10.24
CA THR A 46 -12.21 -0.91 -11.61
C THR A 46 -12.59 -2.19 -12.34
N VAL A 47 -13.22 -2.04 -13.50
CA VAL A 47 -13.44 -3.14 -14.41
C VAL A 47 -12.54 -2.96 -15.62
N CYS A 48 -11.94 -4.05 -16.07
CA CYS A 48 -11.05 -4.04 -17.22
C CYS A 48 -11.33 -5.23 -18.12
N ILE A 49 -10.75 -5.17 -19.33
CA ILE A 49 -10.78 -6.26 -20.29
C ILE A 49 -9.48 -7.02 -20.18
N ALA A 50 -9.57 -8.34 -20.07
CA ALA A 50 -8.40 -9.19 -19.84
C ALA A 50 -7.93 -9.80 -21.16
N LEU A 51 -6.75 -9.41 -21.60
CA LEU A 51 -6.09 -10.02 -22.75
C LEU A 51 -5.00 -10.99 -22.29
N ALA A 52 -4.81 -12.08 -23.04
CA ALA A 52 -3.70 -12.99 -22.75
C ALA A 52 -2.43 -12.45 -23.37
N ASP A 53 -1.28 -12.91 -22.86
CA ASP A 53 0.00 -12.25 -23.16
C ASP A 53 1.12 -13.18 -22.71
N GLU A 54 1.80 -13.83 -23.65
CA GLU A 54 2.94 -14.66 -23.29
C GLU A 54 4.08 -13.82 -22.70
N THR A 55 4.21 -12.55 -23.08
CA THR A 55 5.33 -11.82 -22.49
C THR A 55 5.09 -11.45 -21.03
N CYS A 56 3.90 -11.67 -20.47
CA CYS A 56 3.61 -11.28 -19.08
C CYS A 56 3.96 -12.41 -18.13
N GLU A 57 4.66 -12.09 -17.05
CA GLU A 57 5.03 -13.10 -16.08
C GLU A 57 3.79 -13.63 -15.37
N GLU A 58 3.78 -14.97 -15.16
CA GLU A 58 2.65 -15.60 -14.50
C GLU A 58 2.17 -14.83 -13.29
N PRO A 59 3.04 -14.58 -12.26
CA PRO A 59 2.61 -13.95 -10.99
C PRO A 59 2.48 -12.45 -11.16
N LYS A 60 2.04 -12.01 -12.32
CA LYS A 60 2.01 -10.58 -12.61
C LYS A 60 0.77 -10.24 -13.43
N ILE A 61 0.67 -8.97 -13.80
CA ILE A 61 -0.42 -8.43 -14.59
C ILE A 61 0.08 -7.11 -15.20
N ARG A 62 0.00 -7.00 -16.52
CA ARG A 62 0.43 -5.77 -17.19
C ARG A 62 -0.72 -4.80 -17.27
N MET A 63 -0.55 -3.61 -16.69
CA MET A 63 -1.60 -2.61 -16.74
C MET A 63 -1.02 -1.20 -16.81
N ASN A 64 -1.59 -0.37 -17.68
CA ASN A 64 -1.13 0.97 -17.97
C ASN A 64 -1.32 1.94 -16.78
N LYS A 65 -0.74 3.14 -16.94
CA LYS A 65 -0.70 4.14 -15.86
C LYS A 65 -2.09 4.62 -15.45
N VAL A 66 -2.99 4.80 -16.42
CA VAL A 66 -4.33 5.25 -16.10
C VAL A 66 -5.02 4.27 -15.14
N VAL A 67 -4.86 2.97 -15.38
CA VAL A 67 -5.39 1.98 -14.44
C VAL A 67 -4.70 2.10 -13.09
N ARG A 68 -3.36 2.02 -13.09
CA ARG A 68 -2.55 2.11 -11.88
C ARG A 68 -3.06 3.18 -10.92
N SER A 69 -3.18 4.40 -11.42
CA SER A 69 -3.69 5.50 -10.61
C SER A 69 -5.11 5.22 -10.13
N ASN A 70 -5.98 4.76 -11.03
CA ASN A 70 -7.34 4.45 -10.61
C ASN A 70 -7.33 3.45 -9.47
N LEU A 71 -6.37 2.51 -9.48
CA LEU A 71 -6.18 1.59 -8.38
C LEU A 71 -5.18 2.10 -7.36
N ARG A 72 -4.55 3.24 -7.61
CA ARG A 72 -3.58 3.80 -6.67
C ARG A 72 -2.61 2.72 -6.24
N VAL A 73 -1.83 2.26 -7.20
CA VAL A 73 -0.88 1.19 -6.99
C VAL A 73 0.36 1.52 -7.81
N ARG A 74 1.53 1.22 -7.27
CA ARG A 74 2.79 1.45 -7.95
C ARG A 74 3.22 0.17 -8.64
N LEU A 75 4.00 0.30 -9.70
CA LEU A 75 4.72 -0.85 -10.25
C LEU A 75 5.33 -1.63 -9.11
N GLY A 76 4.96 -2.91 -8.99
CA GLY A 76 5.46 -3.76 -7.94
C GLY A 76 4.49 -4.02 -6.80
N ASP A 77 3.28 -3.48 -6.86
CA ASP A 77 2.27 -3.74 -5.85
C ASP A 77 1.46 -4.99 -6.21
N VAL A 78 0.45 -5.26 -5.40
CA VAL A 78 -0.27 -6.53 -5.47
C VAL A 78 -1.77 -6.24 -5.52
N ILE A 79 -2.36 -6.51 -6.67
CA ILE A 79 -3.79 -6.44 -6.90
C ILE A 79 -4.38 -7.84 -6.82
N SER A 80 -5.71 -7.87 -6.73
CA SER A 80 -6.46 -9.10 -6.82
C SER A 80 -7.47 -8.93 -7.95
N VAL A 81 -7.80 -10.03 -8.62
CA VAL A 81 -8.73 -9.95 -9.73
C VAL A 81 -9.95 -10.80 -9.41
N HIS A 82 -11.04 -10.51 -10.12
CA HIS A 82 -12.25 -11.28 -9.92
C HIS A 82 -13.00 -11.39 -11.23
N GLN A 83 -13.68 -12.53 -11.40
CA GLN A 83 -14.62 -12.67 -12.49
C GLN A 83 -15.79 -11.70 -12.27
N CYS A 84 -16.14 -10.94 -13.31
CA CYS A 84 -17.22 -9.96 -13.25
C CYS A 84 -18.25 -10.24 -14.34
N PRO A 85 -19.01 -11.34 -14.23
CA PRO A 85 -20.00 -11.65 -15.28
C PRO A 85 -21.27 -10.83 -15.20
N ASP A 86 -21.58 -10.24 -14.04
CA ASP A 86 -22.86 -9.56 -13.84
C ASP A 86 -22.98 -8.27 -14.66
N VAL A 87 -21.94 -7.85 -15.39
CA VAL A 87 -21.99 -6.56 -16.06
C VAL A 87 -22.87 -6.63 -17.30
N LYS A 88 -23.63 -5.56 -17.54
CA LYS A 88 -24.37 -5.41 -18.77
C LYS A 88 -24.06 -4.06 -19.38
N TYR A 89 -24.48 -3.87 -20.63
CA TYR A 89 -24.24 -2.62 -21.33
C TYR A 89 -25.04 -1.49 -20.68
N GLY A 90 -24.73 -0.24 -21.08
CA GLY A 90 -25.11 0.92 -20.32
C GLY A 90 -26.24 1.74 -20.92
N LYS A 91 -26.72 2.70 -20.11
CA LYS A 91 -27.79 3.61 -20.55
C LYS A 91 -27.30 5.04 -20.32
N ARG A 92 -27.09 5.44 -19.06
CA ARG A 92 -26.71 6.86 -18.80
C ARG A 92 -25.31 6.92 -18.17
N VAL A 93 -24.31 7.32 -18.95
CA VAL A 93 -22.94 7.50 -18.39
C VAL A 93 -22.63 9.00 -18.38
N HIS A 94 -22.36 9.56 -17.20
CA HIS A 94 -22.03 11.00 -17.10
C HIS A 94 -20.51 11.13 -16.99
N ILE A 95 -19.92 12.01 -17.79
CA ILE A 95 -18.43 12.11 -17.83
C ILE A 95 -17.99 13.58 -17.65
N LEU A 96 -17.48 13.93 -16.47
CA LEU A 96 -17.07 15.32 -16.19
C LEU A 96 -15.63 15.55 -16.68
N PRO A 97 -15.38 16.54 -17.56
CA PRO A 97 -13.99 16.89 -17.96
C PRO A 97 -13.24 17.34 -16.71
N VAL A 98 -12.18 16.64 -16.33
CA VAL A 98 -11.51 16.96 -15.08
C VAL A 98 -10.65 18.22 -15.21
N ASP A 99 -9.95 18.35 -16.35
CA ASP A 99 -8.91 19.38 -16.50
C ASP A 99 -9.40 20.78 -16.11
N ASP A 100 -10.68 21.07 -16.32
CA ASP A 100 -11.28 22.32 -15.86
C ASP A 100 -11.78 22.15 -14.42
N ASN A 108 -19.88 17.93 -31.69
CA ASN A 108 -19.59 18.74 -30.48
C ASN A 108 -18.11 18.59 -30.11
N LEU A 109 -17.43 19.72 -29.83
CA LEU A 109 -16.03 19.61 -29.40
C LEU A 109 -15.90 18.69 -28.19
N PHE A 110 -16.96 18.58 -27.38
CA PHE A 110 -17.00 17.61 -26.28
C PHE A 110 -16.83 16.20 -26.83
N ASP A 111 -17.46 15.91 -27.96
CA ASP A 111 -17.51 14.60 -28.58
C ASP A 111 -16.56 14.48 -29.75
N ALA A 112 -15.69 15.48 -29.91
CA ALA A 112 -14.60 15.37 -30.92
C ALA A 112 -13.46 14.62 -30.23
N TYR A 113 -13.63 14.33 -28.94
CA TYR A 113 -12.65 13.52 -28.23
C TYR A 113 -13.32 12.29 -27.65
N LEU A 114 -14.58 12.44 -27.26
CA LEU A 114 -15.26 11.42 -26.49
C LEU A 114 -15.98 10.40 -27.37
N LYS A 115 -16.78 10.88 -28.32
CA LYS A 115 -17.35 9.95 -29.30
C LYS A 115 -16.30 9.10 -29.99
N PRO A 116 -15.14 9.63 -30.41
CA PRO A 116 -14.14 8.73 -31.01
C PRO A 116 -13.76 7.63 -30.05
N TYR A 117 -13.39 8.01 -28.82
CA TYR A 117 -12.86 7.04 -27.88
C TYR A 117 -13.84 5.91 -27.59
N PHE A 118 -15.15 6.18 -27.69
CA PHE A 118 -16.13 5.17 -27.37
C PHE A 118 -16.75 4.50 -28.57
N LEU A 119 -16.47 5.01 -29.77
CA LEU A 119 -17.03 4.47 -31.00
C LEU A 119 -16.69 2.99 -31.10
N GLU A 120 -17.74 2.15 -31.06
CA GLU A 120 -17.67 0.71 -31.26
C GLU A 120 -16.61 0.06 -30.38
N ALA A 121 -16.08 0.81 -29.42
CA ALA A 121 -15.01 0.31 -28.58
C ALA A 121 -15.53 -0.64 -27.50
N TYR A 122 -16.76 -0.42 -27.06
CA TYR A 122 -17.39 -1.24 -26.01
C TYR A 122 -16.52 -1.28 -24.76
N ARG A 123 -16.28 -0.08 -24.18
CA ARG A 123 -15.32 0.00 -23.09
C ARG A 123 -16.02 -0.09 -21.73
N PRO A 124 -15.34 -0.67 -20.74
CA PRO A 124 -15.95 -0.86 -19.42
C PRO A 124 -15.70 0.31 -18.48
N VAL A 125 -16.78 0.73 -17.81
CA VAL A 125 -16.82 1.96 -17.02
C VAL A 125 -17.23 1.63 -15.60
N ARG A 126 -16.63 2.31 -14.63
CA ARG A 126 -16.94 2.12 -13.22
C ARG A 126 -17.09 3.49 -12.57
N LYS A 127 -18.10 3.64 -11.71
CA LYS A 127 -18.36 4.92 -11.06
C LYS A 127 -17.09 5.47 -10.41
N GLY A 128 -16.53 6.53 -10.99
CA GLY A 128 -15.39 7.22 -10.43
C GLY A 128 -14.10 7.12 -11.20
N ASP A 129 -14.05 6.34 -12.28
CA ASP A 129 -12.80 6.20 -13.03
C ASP A 129 -12.32 7.54 -13.59
N LEU A 130 -11.02 7.64 -13.75
CA LEU A 130 -10.39 8.74 -14.47
C LEU A 130 -9.68 8.12 -15.67
N PHE A 131 -9.82 8.74 -16.84
CA PHE A 131 -9.22 8.16 -18.04
C PHE A 131 -8.91 9.26 -19.05
N LEU A 132 -8.06 8.92 -20.02
CA LEU A 132 -7.46 9.88 -20.96
C LEU A 132 -7.88 9.57 -22.39
N VAL A 133 -7.95 10.60 -23.23
CA VAL A 133 -8.19 10.44 -24.67
C VAL A 133 -7.24 11.33 -25.45
N ARG A 134 -6.47 10.75 -26.38
CA ARG A 134 -5.50 11.49 -27.19
C ARG A 134 -6.17 12.25 -28.31
N ARG A 138 -2.16 16.56 -27.80
CA ARG A 138 -3.24 16.92 -26.89
C ARG A 138 -4.04 15.72 -26.39
N SER A 139 -4.51 15.80 -25.15
CA SER A 139 -5.25 14.71 -24.53
C SER A 139 -5.86 15.20 -23.22
N VAL A 140 -7.05 14.67 -22.91
CA VAL A 140 -7.90 15.18 -21.84
C VAL A 140 -8.29 14.06 -20.88
N GLU A 141 -8.43 14.41 -19.60
CA GLU A 141 -8.86 13.47 -18.57
C GLU A 141 -10.32 13.69 -18.21
N PHE A 142 -10.98 12.59 -17.86
CA PHE A 142 -12.42 12.54 -17.71
C PHE A 142 -12.77 11.67 -16.52
N LYS A 143 -13.66 12.13 -15.66
CA LYS A 143 -14.05 11.41 -14.46
C LYS A 143 -15.48 10.94 -14.65
N VAL A 144 -15.66 9.64 -14.85
CA VAL A 144 -17.03 9.13 -14.92
C VAL A 144 -17.66 9.29 -13.55
N ILE A 145 -18.54 10.28 -13.43
CA ILE A 145 -19.19 10.59 -12.16
C ILE A 145 -20.60 10.05 -12.09
N GLU A 146 -21.05 9.36 -13.14
CA GLU A 146 -22.38 8.71 -13.06
C GLU A 146 -22.45 7.55 -14.05
N THR A 147 -22.98 6.40 -13.60
CA THR A 147 -23.18 5.24 -14.50
C THR A 147 -24.61 4.80 -14.34
N ASP A 148 -25.14 4.03 -15.31
CA ASP A 148 -26.57 3.63 -15.27
C ASP A 148 -26.82 2.55 -14.19
N PRO A 149 -26.01 1.47 -14.06
CA PRO A 149 -26.19 0.48 -12.98
C PRO A 149 -25.61 1.04 -11.68
N ALA A 150 -25.13 2.29 -11.71
CA ALA A 150 -24.63 2.98 -10.49
C ALA A 150 -23.33 2.35 -9.98
N GLU A 151 -22.90 1.24 -10.58
CA GLU A 151 -21.61 0.64 -10.18
C GLU A 151 -20.71 0.54 -11.43
N TYR A 152 -21.10 -0.29 -12.39
CA TYR A 152 -20.26 -0.46 -13.61
C TYR A 152 -21.14 -0.82 -14.78
N CYS A 153 -20.77 -0.36 -15.98
CA CYS A 153 -21.57 -0.63 -17.19
C CYS A 153 -20.68 -0.57 -18.42
N VAL A 154 -21.09 -1.23 -19.50
CA VAL A 154 -20.32 -1.15 -20.78
C VAL A 154 -21.02 -0.12 -21.67
N VAL A 155 -20.35 0.33 -22.74
CA VAL A 155 -20.93 1.33 -23.63
C VAL A 155 -21.23 0.65 -24.96
N ALA A 156 -22.49 0.30 -25.11
CA ALA A 156 -23.00 -0.19 -26.38
C ALA A 156 -23.20 1.01 -27.32
N PRO A 157 -23.54 0.80 -28.59
CA PRO A 157 -23.71 1.94 -29.48
C PRO A 157 -24.99 2.72 -29.18
N ASP A 158 -25.81 2.27 -28.21
CA ASP A 158 -27.01 2.96 -27.78
C ASP A 158 -26.87 3.58 -26.40
N THR A 159 -25.65 3.67 -25.88
CA THR A 159 -25.43 4.26 -24.57
C THR A 159 -25.37 5.79 -24.66
N GLU A 160 -25.86 6.44 -23.61
CA GLU A 160 -25.96 7.90 -23.57
C GLU A 160 -24.74 8.45 -22.82
N ILE A 161 -23.90 9.18 -23.54
CA ILE A 161 -22.80 9.95 -22.92
C ILE A 161 -23.34 11.37 -22.77
N PHE A 162 -24.10 11.57 -21.69
CA PHE A 162 -24.83 12.82 -21.54
C PHE A 162 -24.02 13.88 -20.81
N CYS A 163 -22.72 13.92 -21.10
CA CYS A 163 -21.93 15.00 -20.48
C CYS A 163 -20.99 15.68 -21.47
N GLU A 164 -20.59 16.90 -21.14
CA GLU A 164 -19.67 17.71 -21.92
C GLU A 164 -18.26 17.16 -21.81
N GLY B 1 3.90 22.73 8.03
CA GLY B 1 4.39 21.79 7.04
C GLY B 1 3.62 20.49 7.05
N SER B 2 3.80 19.65 6.03
CA SER B 2 3.07 18.39 5.97
C SER B 2 3.79 17.30 6.76
N ASN B 3 3.05 16.24 7.06
CA ASN B 3 3.56 15.12 7.85
C ASN B 3 3.53 13.77 7.15
N ARG B 4 3.09 13.70 5.90
CA ARG B 4 3.16 12.46 5.14
C ARG B 4 4.54 12.39 4.46
N LEU B 5 5.39 11.45 4.87
CA LEU B 5 6.74 11.34 4.34
C LEU B 5 6.95 10.08 3.49
N VAL B 6 7.77 10.21 2.42
CA VAL B 6 8.13 9.06 1.58
C VAL B 6 9.16 8.21 2.32
N VAL B 7 8.96 6.89 2.32
CA VAL B 7 9.86 5.94 3.02
C VAL B 7 11.19 5.77 2.28
N ASP B 8 12.28 5.51 3.02
CA ASP B 8 13.61 5.36 2.41
C ASP B 8 14.50 4.42 3.23
N GLU B 9 15.59 3.96 2.57
CA GLU B 9 16.49 2.99 3.16
C GLU B 9 17.12 3.55 4.43
N ALA B 10 17.32 2.66 5.41
CA ALA B 10 18.02 3.00 6.63
C ALA B 10 19.50 2.74 6.47
N ILE B 11 20.32 3.68 6.95
CA ILE B 11 21.75 3.42 7.02
C ILE B 11 22.10 2.70 8.29
N ASN B 12 21.35 2.95 9.36
CA ASN B 12 21.55 2.33 10.66
C ASN B 12 20.46 1.29 10.88
N ASP B 13 20.85 0.04 11.09
CA ASP B 13 19.87 -1.01 11.34
C ASP B 13 19.56 -1.05 12.83
N ASP B 14 18.34 -0.63 13.19
CA ASP B 14 17.91 -0.66 14.57
C ASP B 14 16.39 -0.63 14.60
N ASN B 15 15.78 -1.69 15.11
CA ASN B 15 14.34 -1.85 15.01
C ASN B 15 13.58 -0.68 15.63
N SER B 16 14.21 0.03 16.54
CA SER B 16 13.48 1.08 17.30
C SER B 16 13.77 2.49 16.80
N VAL B 17 14.44 2.62 15.67
CA VAL B 17 14.82 3.97 15.23
C VAL B 17 14.37 4.23 13.81
N VAL B 18 14.03 5.50 13.56
CA VAL B 18 13.85 6.03 12.23
C VAL B 18 14.53 7.41 12.20
N SER B 19 14.88 7.84 11.00
CA SER B 19 15.68 9.05 10.85
C SER B 19 14.94 10.01 9.94
N LEU B 20 14.97 11.30 10.27
CA LEU B 20 14.39 12.37 9.46
C LEU B 20 15.35 13.56 9.28
N HIS B 21 15.11 14.32 8.21
CA HIS B 21 15.91 15.51 8.02
C HIS B 21 15.69 16.50 9.15
N PRO B 22 16.74 17.13 9.67
CA PRO B 22 16.55 18.06 10.79
C PRO B 22 15.51 19.12 10.48
N ALA B 23 15.49 19.65 9.25
CA ALA B 23 14.50 20.66 8.90
C ALA B 23 13.08 20.12 9.07
N THR B 24 12.84 18.90 8.61
CA THR B 24 11.52 18.33 8.77
C THR B 24 11.18 18.13 10.24
N MET B 25 12.14 17.67 11.05
CA MET B 25 11.92 17.57 12.50
C MET B 25 11.46 18.90 13.08
N GLU B 26 12.16 20.00 12.74
CA GLU B 26 11.76 21.31 13.24
C GLU B 26 10.47 21.79 12.59
N LYS B 27 10.34 21.61 11.27
CA LYS B 27 9.08 21.91 10.59
C LYS B 27 7.92 21.09 11.17
N LEU B 28 8.20 20.07 11.98
CA LEU B 28 7.19 19.23 12.60
C LEU B 28 7.36 19.12 14.11
N GLN B 29 7.97 20.14 14.73
CA GLN B 29 8.15 20.25 16.18
C GLN B 29 8.46 18.89 16.81
N LEU B 30 9.39 18.18 16.19
CA LEU B 30 9.82 16.88 16.77
C LEU B 30 11.27 17.07 17.26
N PHE B 31 11.63 16.45 18.39
CA PHE B 31 12.98 16.70 18.95
C PHE B 31 13.77 15.40 18.95
N ARG B 32 15.09 15.51 19.01
CA ARG B 32 15.95 14.30 18.93
C ARG B 32 15.69 13.40 20.14
N GLY B 33 15.50 12.10 19.93
CA GLY B 33 15.30 11.15 21.03
C GLY B 33 13.87 11.16 21.52
N ASP B 34 12.91 11.08 20.62
CA ASP B 34 11.47 11.19 21.02
C ASP B 34 10.69 10.02 20.42
N THR B 35 9.57 9.65 21.04
CA THR B 35 8.79 8.52 20.56
C THR B 35 7.77 9.02 19.56
N ILE B 36 7.81 8.51 18.34
CA ILE B 36 6.86 8.98 17.32
C ILE B 36 5.97 7.81 16.94
N LEU B 37 4.72 8.12 16.64
CA LEU B 37 3.82 7.16 16.04
C LEU B 37 3.91 7.31 14.54
N ILE B 38 3.88 6.17 13.84
CA ILE B 38 3.95 6.19 12.39
C ILE B 38 2.79 5.39 11.82
N LYS B 39 1.80 6.09 11.31
CA LYS B 39 0.73 5.38 10.62
C LYS B 39 1.24 4.79 9.31
N GLY B 40 1.16 3.47 9.22
CA GLY B 40 1.60 2.70 8.08
C GLY B 40 0.44 2.35 7.18
N LYS B 41 0.62 1.27 6.44
CA LYS B 41 -0.52 0.82 5.60
C LYS B 41 -1.29 -0.29 6.31
N LYS B 42 -2.23 -0.88 5.61
CA LYS B 42 -3.07 -1.98 6.11
C LYS B 42 -3.58 -1.76 7.52
N ARG B 43 -3.92 -0.52 7.86
CA ARG B 43 -4.36 -0.08 9.19
C ARG B 43 -3.35 -0.36 10.31
N LYS B 44 -2.12 -0.76 9.99
CA LYS B 44 -1.13 -1.01 11.02
C LYS B 44 -0.40 0.28 11.41
N ASP B 45 0.24 0.26 12.58
CA ASP B 45 1.11 1.37 12.99
C ASP B 45 2.08 0.87 14.07
N THR B 46 2.95 1.77 14.52
CA THR B 46 4.08 1.46 15.40
C THR B 46 4.56 2.72 16.11
N VAL B 47 5.37 2.53 17.15
CA VAL B 47 6.14 3.62 17.76
C VAL B 47 7.64 3.43 17.54
N CYS B 48 8.33 4.53 17.27
CA CYS B 48 9.77 4.58 17.05
C CYS B 48 10.39 5.84 17.63
N ILE B 49 11.66 5.73 17.96
CA ILE B 49 12.49 6.84 18.39
C ILE B 49 13.00 7.60 17.16
N ALA B 50 12.89 8.93 17.20
CA ALA B 50 13.21 9.75 16.05
C ALA B 50 14.57 10.42 16.24
N LEU B 51 15.43 10.31 15.23
CA LEU B 51 16.71 11.00 15.24
C LEU B 51 16.80 11.94 14.04
N ALA B 52 17.59 12.99 14.19
CA ALA B 52 17.84 13.89 13.07
C ALA B 52 18.97 13.33 12.22
N ASP B 53 18.88 13.55 10.92
CA ASP B 53 19.84 13.00 9.94
C ASP B 53 19.85 13.96 8.75
N GLU B 54 21.01 14.51 8.43
CA GLU B 54 21.09 15.45 7.32
C GLU B 54 21.23 14.74 5.98
N THR B 55 21.77 13.53 5.98
CA THR B 55 21.83 12.76 4.74
C THR B 55 20.46 12.39 4.23
N CYS B 56 19.43 12.50 5.06
CA CYS B 56 18.09 12.06 4.67
C CYS B 56 17.37 13.23 4.01
N GLU B 57 16.73 12.94 2.89
CA GLU B 57 15.95 13.96 2.22
C GLU B 57 14.83 14.44 3.14
N GLU B 58 14.51 15.73 3.07
CA GLU B 58 13.40 16.22 3.87
C GLU B 58 12.11 15.45 3.63
N PRO B 59 11.64 15.26 2.41
CA PRO B 59 10.34 14.59 2.23
C PRO B 59 10.44 13.09 2.41
N LYS B 60 11.39 12.62 3.21
CA LYS B 60 11.62 11.21 3.36
C LYS B 60 11.80 10.89 4.84
N ILE B 61 11.67 9.60 5.15
CA ILE B 61 12.02 9.05 6.45
C ILE B 61 12.81 7.77 6.20
N ARG B 62 13.91 7.61 6.93
CA ARG B 62 14.71 6.38 6.82
C ARG B 62 14.18 5.37 7.83
N MET B 63 14.01 4.14 7.38
CA MET B 63 13.50 3.11 8.30
C MET B 63 13.86 1.72 7.79
N ASN B 64 14.54 0.97 8.64
CA ASN B 64 14.95 -0.40 8.36
C ASN B 64 13.74 -1.29 8.04
N LYS B 65 14.03 -2.50 7.56
CA LYS B 65 12.97 -3.43 7.09
C LYS B 65 12.01 -3.85 8.21
N VAL B 66 12.51 -4.11 9.41
CA VAL B 66 11.59 -4.59 10.45
C VAL B 66 10.48 -3.57 10.68
N VAL B 67 10.86 -2.30 10.76
CA VAL B 67 9.86 -1.25 10.85
C VAL B 67 9.02 -1.25 9.58
N ARG B 68 9.69 -1.29 8.43
CA ARG B 68 8.96 -1.28 7.16
C ARG B 68 7.88 -2.35 7.13
N SER B 69 8.23 -3.60 7.47
CA SER B 69 7.23 -4.65 7.26
C SER B 69 6.15 -4.61 8.32
N ASN B 70 6.48 -4.19 9.54
CA ASN B 70 5.43 -3.99 10.56
C ASN B 70 4.41 -2.98 10.03
N LEU B 71 4.83 -2.07 9.14
CA LEU B 71 3.93 -1.03 8.59
C LEU B 71 3.42 -1.45 7.20
N ARG B 72 3.77 -2.65 6.76
CA ARG B 72 3.34 -3.15 5.42
C ARG B 72 3.69 -2.10 4.35
N VAL B 73 4.88 -1.52 4.41
CA VAL B 73 5.24 -0.43 3.45
C VAL B 73 6.47 -0.82 2.65
N ARG B 74 6.51 -0.41 1.38
CA ARG B 74 7.67 -0.70 0.52
C ARG B 74 8.48 0.59 0.35
N LEU B 75 9.76 0.46 0.00
CA LEU B 75 10.57 1.67 -0.25
C LEU B 75 9.85 2.49 -1.32
N GLY B 76 9.49 3.73 -0.98
CA GLY B 76 8.82 4.62 -1.94
C GLY B 76 7.36 4.79 -1.63
N ASP B 77 6.85 4.06 -0.64
CA ASP B 77 5.45 4.23 -0.21
C ASP B 77 5.41 5.46 0.70
N VAL B 78 4.23 5.84 1.17
CA VAL B 78 4.12 7.10 1.97
C VAL B 78 3.50 6.83 3.34
N ILE B 79 4.26 7.06 4.42
CA ILE B 79 3.71 6.98 5.76
C ILE B 79 3.33 8.37 6.23
N SER B 80 2.68 8.41 7.40
CA SER B 80 2.36 9.68 8.06
C SER B 80 2.96 9.62 9.47
N VAL B 81 3.46 10.73 9.99
CA VAL B 81 4.13 10.71 11.32
C VAL B 81 3.27 11.52 12.31
N HIS B 82 3.26 11.11 13.56
CA HIS B 82 2.40 11.78 14.57
C HIS B 82 3.14 11.88 15.91
N GLN B 83 3.00 13.00 16.60
CA GLN B 83 3.61 13.15 17.93
C GLN B 83 2.95 12.14 18.88
N CYS B 84 3.75 11.48 19.71
CA CYS B 84 3.22 10.51 20.66
C CYS B 84 3.83 10.88 22.01
N PRO B 85 3.21 11.82 22.73
CA PRO B 85 3.71 12.16 24.06
C PRO B 85 3.07 11.27 25.12
N ASP B 86 1.94 10.66 24.79
CA ASP B 86 1.27 9.71 25.69
C ASP B 86 2.16 8.55 26.11
N VAL B 87 3.30 8.37 25.44
CA VAL B 87 4.14 7.20 25.67
C VAL B 87 4.76 7.29 27.06
N LYS B 88 4.50 6.27 27.89
CA LYS B 88 5.05 6.17 29.23
C LYS B 88 5.78 4.84 29.39
N TYR B 89 6.63 4.77 30.41
CA TYR B 89 7.37 3.51 30.67
C TYR B 89 6.37 2.45 31.08
N GLY B 90 6.64 1.19 30.74
CA GLY B 90 5.68 0.12 31.01
C GLY B 90 6.18 -0.78 32.11
N LYS B 91 5.30 -1.63 32.64
CA LYS B 91 5.69 -2.53 33.76
C LYS B 91 5.63 -3.98 33.28
N ARG B 92 4.70 -4.32 32.39
CA ARG B 92 4.53 -5.73 31.95
C ARG B 92 4.44 -5.81 30.42
N VAL B 93 5.38 -6.49 29.79
CA VAL B 93 5.28 -6.69 28.31
C VAL B 93 5.33 -8.20 28.02
N HIS B 94 4.29 -8.73 27.37
CA HIS B 94 4.29 -10.17 26.98
C HIS B 94 4.80 -10.27 25.54
N ILE B 95 5.72 -11.20 25.29
CA ILE B 95 6.35 -11.30 23.93
C ILE B 95 6.36 -12.77 23.47
N LEU B 96 5.52 -13.12 22.50
CA LEU B 96 5.45 -14.48 22.00
C LEU B 96 6.50 -14.66 20.89
N PRO B 97 7.41 -15.59 21.02
CA PRO B 97 8.30 -15.91 19.90
C PRO B 97 7.51 -16.61 18.80
N VAL B 98 7.83 -16.25 17.56
CA VAL B 98 7.12 -16.74 16.40
C VAL B 98 7.98 -17.71 15.59
N ASP B 99 9.29 -17.51 15.61
CA ASP B 99 10.23 -18.35 14.88
C ASP B 99 9.94 -19.82 15.14
N ASP B 100 9.94 -20.22 16.40
CA ASP B 100 9.56 -21.57 16.81
C ASP B 100 10.35 -22.62 16.04
N THR B 101 11.67 -22.52 16.15
CA THR B 101 12.59 -23.40 15.44
C THR B 101 13.01 -24.58 16.32
N THR B 106 16.62 -22.67 21.95
CA THR B 106 18.08 -22.63 21.88
C THR B 106 18.69 -22.37 23.25
N GLY B 107 17.83 -22.14 24.24
CA GLY B 107 18.32 -21.91 25.62
C GLY B 107 18.00 -20.53 26.13
N ASN B 108 17.07 -20.42 27.07
CA ASN B 108 16.77 -19.10 27.70
C ASN B 108 16.78 -18.03 26.61
N LEU B 109 15.90 -18.14 25.62
CA LEU B 109 15.80 -17.10 24.57
C LEU B 109 15.83 -15.73 25.25
N PHE B 110 15.18 -15.62 26.41
CA PHE B 110 15.18 -14.34 27.16
C PHE B 110 16.60 -13.99 27.53
N ASP B 111 17.29 -14.90 28.22
CA ASP B 111 18.60 -14.53 28.71
C ASP B 111 19.55 -14.14 27.58
N ALA B 112 19.49 -14.83 26.45
CA ALA B 112 20.45 -14.62 25.39
C ALA B 112 19.98 -13.66 24.31
N TYR B 113 18.72 -13.26 24.30
CA TYR B 113 18.25 -12.40 23.22
C TYR B 113 17.50 -11.17 23.73
N LEU B 114 16.38 -11.37 24.41
CA LEU B 114 15.57 -10.22 24.81
C LEU B 114 16.27 -9.40 25.87
N LYS B 115 16.88 -10.06 26.85
CA LYS B 115 17.58 -9.33 27.90
C LYS B 115 18.66 -8.42 27.35
N PRO B 116 19.52 -8.84 26.42
CA PRO B 116 20.47 -7.88 25.83
C PRO B 116 19.79 -6.81 25.00
N TYR B 117 19.00 -7.26 24.02
CA TYR B 117 18.35 -6.36 23.09
C TYR B 117 17.57 -5.26 23.80
N PHE B 118 16.90 -5.61 24.90
CA PHE B 118 16.14 -4.60 25.64
C PHE B 118 16.97 -3.89 26.67
N LEU B 119 18.12 -4.46 27.05
CA LEU B 119 18.92 -3.93 28.15
C LEU B 119 19.20 -2.45 27.97
N GLU B 120 18.81 -1.68 28.99
CA GLU B 120 19.08 -0.24 29.09
C GLU B 120 18.87 0.48 27.76
N ALA B 121 17.83 0.12 27.01
CA ALA B 121 17.64 0.64 25.67
C ALA B 121 16.42 1.52 25.51
N TYR B 122 15.52 1.57 26.50
CA TYR B 122 14.29 2.36 26.44
C TYR B 122 13.66 2.23 25.06
N ARG B 123 13.64 1.02 24.55
CA ARG B 123 13.02 0.76 23.27
C ARG B 123 11.49 0.87 23.39
N PRO B 124 10.83 1.59 22.48
CA PRO B 124 9.36 1.60 22.48
C PRO B 124 8.79 0.46 21.65
N VAL B 125 7.90 -0.30 22.28
CA VAL B 125 7.28 -1.47 21.59
C VAL B 125 5.77 -1.21 21.48
N ARG B 126 5.17 -1.59 20.35
CA ARG B 126 3.73 -1.48 20.16
C ARG B 126 3.13 -2.88 19.99
N LYS B 127 2.02 -3.13 20.66
CA LYS B 127 1.44 -4.48 20.62
C LYS B 127 1.05 -4.86 19.18
N GLY B 128 1.44 -6.07 18.79
CA GLY B 128 1.29 -6.56 17.43
C GLY B 128 2.57 -6.56 16.63
N ASP B 129 3.60 -5.85 17.10
CA ASP B 129 4.82 -5.64 16.35
C ASP B 129 5.68 -6.90 16.33
N LEU B 130 6.28 -7.19 15.16
CA LEU B 130 7.18 -8.37 15.06
C LEU B 130 8.63 -7.87 14.88
N PHE B 131 9.49 -8.08 15.89
CA PHE B 131 10.88 -7.59 15.83
C PHE B 131 11.84 -8.77 15.83
N LEU B 132 12.74 -8.83 14.84
CA LEU B 132 13.74 -9.93 14.77
C LEU B 132 14.90 -9.61 15.74
N VAL B 133 15.29 -10.51 16.64
CA VAL B 133 16.43 -10.13 17.53
C VAL B 133 17.71 -10.79 16.98
N ARG B 134 18.82 -10.06 16.98
CA ARG B 134 20.06 -10.58 16.35
C ARG B 134 20.80 -11.53 17.29
N GLY B 135 21.05 -12.76 16.82
CA GLY B 135 21.85 -13.71 17.62
C GLY B 135 23.23 -13.86 17.02
N GLY B 136 24.14 -14.53 17.73
CA GLY B 136 25.53 -14.59 17.23
C GLY B 136 25.52 -14.74 15.72
N MET B 137 24.83 -15.75 15.21
CA MET B 137 24.72 -15.94 13.75
C MET B 137 23.26 -16.19 13.41
N ARG B 138 22.49 -16.69 14.37
CA ARG B 138 21.07 -17.00 14.14
C ARG B 138 20.20 -15.89 14.76
N SER B 139 19.24 -15.38 14.01
CA SER B 139 18.35 -14.33 14.54
C SER B 139 16.92 -14.87 14.64
N VAL B 140 16.35 -14.92 15.85
CA VAL B 140 14.94 -15.38 16.05
C VAL B 140 14.04 -14.15 16.23
N GLU B 141 12.88 -14.13 15.56
CA GLU B 141 11.97 -12.95 15.64
C GLU B 141 11.02 -13.09 16.83
N PHE B 142 10.73 -12.01 17.55
CA PHE B 142 9.73 -12.11 18.64
C PHE B 142 8.52 -11.26 18.27
N LYS B 143 7.39 -11.48 18.97
CA LYS B 143 6.17 -10.66 18.73
C LYS B 143 5.60 -10.16 20.06
N VAL B 144 5.48 -8.84 20.21
CA VAL B 144 4.84 -8.24 21.43
C VAL B 144 3.35 -8.58 21.38
N ILE B 145 2.91 -9.51 22.22
CA ILE B 145 1.49 -9.92 22.18
C ILE B 145 0.68 -9.00 23.11
N GLU B 146 1.33 -8.39 24.09
CA GLU B 146 0.60 -7.43 24.97
C GLU B 146 1.55 -6.49 25.71
N THR B 147 1.15 -5.22 25.86
CA THR B 147 1.92 -4.23 26.64
C THR B 147 1.05 -3.85 27.81
N ASP B 148 1.65 -3.44 28.94
CA ASP B 148 0.80 -3.23 30.11
C ASP B 148 -0.02 -1.95 30.03
N PRO B 149 0.53 -0.76 29.71
CA PRO B 149 -0.38 0.36 29.49
C PRO B 149 -0.81 0.42 28.03
N ALA B 150 -2.12 0.56 27.81
CA ALA B 150 -2.71 0.76 26.48
C ALA B 150 -2.14 -0.19 25.44
N GLU B 151 -1.52 0.38 24.40
CA GLU B 151 -1.00 -0.40 23.31
C GLU B 151 0.46 -0.07 22.97
N TYR B 152 1.06 0.92 23.64
CA TYR B 152 2.44 1.28 23.36
C TYR B 152 3.10 1.78 24.64
N CYS B 153 4.41 1.49 24.78
CA CYS B 153 5.11 1.86 26.00
C CYS B 153 6.63 1.70 25.84
N VAL B 154 7.38 2.49 26.61
CA VAL B 154 8.83 2.36 26.65
C VAL B 154 9.20 1.24 27.61
N VAL B 155 10.16 0.42 27.21
CA VAL B 155 10.64 -0.66 28.05
C VAL B 155 11.71 -0.10 28.98
N ALA B 156 11.34 0.07 30.24
CA ALA B 156 12.23 0.60 31.27
C ALA B 156 13.09 -0.52 31.84
N PRO B 157 14.07 -0.17 32.68
CA PRO B 157 14.67 -1.18 33.58
C PRO B 157 13.75 -1.60 34.75
N ASP B 158 12.51 -1.12 34.78
CA ASP B 158 11.48 -1.58 35.72
C ASP B 158 10.43 -2.46 35.05
N THR B 159 10.61 -2.81 33.79
CA THR B 159 9.58 -3.49 33.00
C THR B 159 9.75 -5.00 33.06
N GLU B 160 8.78 -5.68 33.67
CA GLU B 160 8.69 -7.12 33.56
C GLU B 160 8.53 -7.48 32.11
N ILE B 161 9.26 -8.49 31.66
CA ILE B 161 9.12 -9.00 30.30
C ILE B 161 8.67 -10.45 30.40
N PHE B 162 7.80 -10.85 29.49
CA PHE B 162 7.23 -12.19 29.49
C PHE B 162 7.35 -12.79 28.09
N CYS B 163 8.01 -13.93 27.98
CA CYS B 163 7.88 -14.79 26.81
C CYS B 163 7.53 -16.19 27.30
N GLU B 164 6.58 -16.83 26.63
CA GLU B 164 6.01 -18.08 27.11
C GLU B 164 6.16 -19.22 26.09
#